data_1XXV
#
_entry.id   1XXV
#
_cell.length_a   54.130
_cell.length_b   47.170
_cell.length_c   71.820
_cell.angle_alpha   104.45
_cell.angle_beta   115.05
_cell.angle_gamma   89.97
#
_symmetry.space_group_name_H-M   'P 1'
#
loop_
_entity.id
_entity.type
_entity.pdbx_description
1 polymer 'Protein-tyrosine phosphatase yopH'
2 polymer 'Epidermal growth factor receptor derived peptide'
3 water water
#
loop_
_entity_poly.entity_id
_entity_poly.type
_entity_poly.pdbx_seq_one_letter_code
_entity_poly.pdbx_strand_id
1 'polypeptide(L)'
;PRERPHTSGHHGAGEARATAPSTVSPYGPEARAELSSRLTTLRNTLAPATNDPRYLQACGGEKLNRFRDIQCRRQTAVRA
DLNANYIQVGNTRTIACQYPLQSQLESHFRMLAENRTPVLAVLASSSEIANQRFGMPDYFRQSGTYGSITVESKMTQQVG
LGDGIMADMYTLTIREAGQKTISVPVVHVGNWPDQTAVSSEVTKALASLVDQTAETKRNMYESKGSSAVADDSKLRPVIH
CRAGVGRTAQLIGAMCMNDSRNSQLSVEDMVSQMRVQRNGIMVQKDEQLDVLIKLAEGQGRPLLNS
;
A,B
2 'polypeptide(L)' (ACE)DADE(FTY)L(NH2) C,D,E,F
#
# COMPACT_ATOMS: atom_id res chain seq x y z
N SER A 25 -22.23 35.28 -37.93
CA SER A 25 -22.52 34.94 -36.51
C SER A 25 -21.25 34.57 -35.74
N PRO A 26 -21.11 35.09 -34.51
CA PRO A 26 -19.96 34.82 -33.66
C PRO A 26 -19.80 33.32 -33.37
N TYR A 27 -20.84 32.55 -33.64
CA TYR A 27 -20.80 31.11 -33.42
C TYR A 27 -21.11 30.34 -34.70
N GLY A 28 -20.92 30.99 -35.84
CA GLY A 28 -21.18 30.37 -37.12
C GLY A 28 -20.02 29.50 -37.58
N PRO A 29 -20.20 28.72 -38.66
CA PRO A 29 -19.16 27.84 -39.21
C PRO A 29 -17.81 28.51 -39.42
N GLU A 30 -17.84 29.74 -39.93
CA GLU A 30 -16.61 30.49 -40.18
C GLU A 30 -15.82 30.70 -38.88
N ALA A 31 -16.53 31.08 -37.82
CA ALA A 31 -15.90 31.29 -36.52
C ALA A 31 -15.39 29.96 -35.97
N ARG A 32 -16.22 28.92 -36.02
CA ARG A 32 -15.85 27.60 -35.52
C ARG A 32 -14.63 27.05 -36.25
N ALA A 33 -14.55 27.35 -37.54
CA ALA A 33 -13.44 26.87 -38.36
C ALA A 33 -12.14 27.60 -37.99
N GLU A 34 -12.26 28.89 -37.69
CA GLU A 34 -11.11 29.70 -37.31
C GLU A 34 -10.54 29.22 -35.98
N LEU A 35 -11.42 29.05 -34.99
CA LEU A 35 -11.02 28.59 -33.66
C LEU A 35 -10.27 27.28 -33.75
N SER A 36 -10.80 26.34 -34.52
CA SER A 36 -10.14 25.03 -34.65
C SER A 36 -8.77 25.17 -35.27
N SER A 37 -8.67 26.06 -36.25
CA SER A 37 -7.41 26.30 -36.91
C SER A 37 -6.35 26.72 -35.90
N ARG A 38 -6.69 27.68 -35.06
CA ARG A 38 -5.74 28.16 -34.07
C ARG A 38 -5.41 27.06 -33.07
N LEU A 39 -6.43 26.33 -32.63
CA LEU A 39 -6.23 25.26 -31.67
C LEU A 39 -5.35 24.15 -32.23
N THR A 40 -5.58 23.79 -33.50
CA THR A 40 -4.79 22.75 -34.15
C THR A 40 -3.31 23.12 -34.16
N THR A 41 -3.03 24.36 -34.56
CA THR A 41 -1.65 24.87 -34.62
C THR A 41 -0.99 24.75 -33.26
N LEU A 42 -1.71 25.14 -32.21
CA LEU A 42 -1.19 25.10 -30.85
C LEU A 42 -0.87 23.65 -30.42
N ARG A 43 -1.82 22.75 -30.61
CA ARG A 43 -1.60 21.35 -30.26
C ARG A 43 -0.34 20.78 -30.93
N ASN A 44 -0.05 21.18 -32.17
CA ASN A 44 1.14 20.69 -32.87
C ASN A 44 2.41 21.28 -32.28
N THR A 45 2.36 22.54 -31.89
CA THR A 45 3.53 23.20 -31.31
C THR A 45 3.87 22.60 -29.95
N LEU A 46 2.85 22.25 -29.17
CA LEU A 46 3.06 21.68 -27.84
C LEU A 46 3.34 20.19 -27.88
N ALA A 47 3.43 19.63 -29.09
CA ALA A 47 3.69 18.21 -29.23
C ALA A 47 5.00 17.92 -28.49
N PRO A 48 4.99 16.91 -27.61
CA PRO A 48 6.16 16.53 -26.83
C PRO A 48 7.29 15.93 -27.67
N ALA A 49 8.45 16.58 -27.64
CA ALA A 49 9.61 16.09 -28.38
C ALA A 49 10.41 15.18 -27.47
N THR A 50 11.10 14.21 -28.05
CA THR A 50 11.89 13.27 -27.27
C THR A 50 12.77 14.05 -26.28
N ASN A 51 12.59 13.75 -24.99
CA ASN A 51 13.35 14.42 -23.95
C ASN A 51 13.12 15.94 -24.00
N ASP A 52 11.86 16.32 -24.15
CA ASP A 52 11.45 17.72 -24.22
C ASP A 52 11.70 18.44 -22.89
N PRO A 53 12.37 19.61 -22.94
CA PRO A 53 12.65 20.40 -21.73
C PRO A 53 11.42 21.12 -21.15
N ARG A 54 10.28 20.94 -21.79
CA ARG A 54 9.03 21.56 -21.36
C ARG A 54 8.16 20.60 -20.56
N TYR A 55 8.48 19.31 -20.67
CA TYR A 55 7.70 18.30 -19.98
C TYR A 55 8.50 17.52 -18.94
N LEU A 56 7.78 17.05 -17.92
CA LEU A 56 8.38 16.25 -16.85
C LEU A 56 8.94 14.95 -17.43
N GLN A 57 10.16 14.61 -17.04
CA GLN A 57 10.78 13.37 -17.53
C GLN A 57 10.85 12.34 -16.41
N ALA A 58 10.72 11.07 -16.74
CA ALA A 58 10.78 10.02 -15.73
C ALA A 58 12.22 9.88 -15.23
N CYS A 59 12.46 10.24 -13.97
CA CYS A 59 13.79 10.14 -13.37
C CYS A 59 14.00 8.76 -12.75
N GLY A 60 14.82 7.95 -13.40
CA GLY A 60 15.09 6.61 -12.92
C GLY A 60 14.38 5.54 -13.74
N GLY A 61 13.96 4.48 -13.06
CA GLY A 61 13.28 3.39 -13.75
C GLY A 61 11.81 3.29 -13.37
N GLU A 62 11.26 4.36 -12.82
CA GLU A 62 9.86 4.40 -12.42
C GLU A 62 9.01 4.99 -13.52
N LYS A 63 7.91 4.32 -13.86
CA LYS A 63 7.03 4.81 -14.90
C LYS A 63 6.21 6.01 -14.40
N LEU A 64 6.25 7.08 -15.16
CA LEU A 64 5.53 8.29 -14.81
C LEU A 64 4.23 8.48 -15.59
N ASN A 65 4.36 8.51 -16.91
CA ASN A 65 3.22 8.70 -17.81
C ASN A 65 2.44 7.43 -18.05
N ARG A 66 1.11 7.55 -18.00
CA ARG A 66 0.23 6.40 -18.25
C ARG A 66 0.25 6.17 -19.75
N PHE A 67 0.54 7.23 -20.50
CA PHE A 67 0.62 7.16 -21.94
C PHE A 67 1.82 7.98 -22.40
N ARG A 68 2.58 7.44 -23.34
CA ARG A 68 3.77 8.12 -23.83
C ARG A 68 3.44 9.38 -24.62
N ASP A 69 2.18 9.54 -25.03
CA ASP A 69 1.77 10.71 -25.81
C ASP A 69 1.04 11.76 -24.96
N ILE A 70 0.65 11.39 -23.75
CA ILE A 70 -0.03 12.30 -22.83
C ILE A 70 0.95 12.68 -21.73
N GLN A 71 1.68 13.76 -21.95
CA GLN A 71 2.67 14.20 -20.98
C GLN A 71 2.27 15.35 -20.07
N CYS A 72 3.11 15.59 -19.08
CA CYS A 72 2.88 16.60 -18.07
C CYS A 72 3.84 17.79 -18.17
N ARG A 73 3.31 19.01 -18.24
CA ARG A 73 4.17 20.19 -18.31
C ARG A 73 5.04 20.32 -17.06
N ARG A 74 6.31 20.68 -17.25
CA ARG A 74 7.23 20.82 -16.14
C ARG A 74 6.98 22.01 -15.22
N GLN A 75 6.82 23.22 -15.78
CA GLN A 75 6.62 24.42 -14.95
C GLN A 75 5.32 24.55 -14.18
N THR A 76 4.44 23.57 -14.32
CA THR A 76 3.17 23.62 -13.61
C THR A 76 2.90 22.31 -12.91
N ALA A 77 3.87 21.41 -12.95
CA ALA A 77 3.70 20.12 -12.30
C ALA A 77 3.57 20.26 -10.79
N VAL A 78 2.72 19.43 -10.19
CA VAL A 78 2.49 19.45 -8.76
C VAL A 78 3.68 18.76 -8.08
N ARG A 79 3.93 17.51 -8.47
CA ARG A 79 5.02 16.74 -7.90
C ARG A 79 5.90 16.17 -9.01
N ALA A 80 7.13 15.82 -8.68
CA ALA A 80 8.07 15.28 -9.67
C ALA A 80 7.77 13.84 -10.04
N ASP A 81 6.95 13.16 -9.27
CA ASP A 81 6.64 11.76 -9.57
C ASP A 81 5.21 11.51 -9.97
N LEU A 82 4.47 12.57 -10.24
CA LEU A 82 3.08 12.43 -10.65
C LEU A 82 2.84 13.18 -11.94
N ASN A 83 1.88 12.69 -12.74
CA ASN A 83 1.53 13.35 -13.99
C ASN A 83 0.31 14.19 -13.64
N ALA A 84 0.58 15.40 -13.18
CA ALA A 84 -0.48 16.30 -12.76
C ALA A 84 0.01 17.72 -12.92
N ASN A 85 -0.92 18.63 -13.21
CA ASN A 85 -0.55 20.03 -13.38
C ASN A 85 -1.45 21.02 -12.69
N TYR A 86 -0.87 22.15 -12.29
CA TYR A 86 -1.63 23.21 -11.69
C TYR A 86 -2.19 23.93 -12.88
N ILE A 87 -3.50 24.10 -12.92
CA ILE A 87 -4.08 24.80 -14.05
C ILE A 87 -4.91 25.99 -13.62
N GLN A 88 -4.73 27.12 -14.28
CA GLN A 88 -5.51 28.29 -13.97
C GLN A 88 -6.00 28.94 -15.26
N VAL A 89 -7.28 28.80 -15.55
CA VAL A 89 -7.85 29.44 -16.74
C VAL A 89 -8.72 30.57 -16.19
N GLY A 90 -8.25 31.80 -16.38
CA GLY A 90 -8.95 32.97 -15.88
C GLY A 90 -8.65 33.09 -14.40
N ASN A 91 -9.71 33.10 -13.60
CA ASN A 91 -9.58 33.17 -12.15
C ASN A 91 -9.85 31.80 -11.52
N THR A 92 -10.15 30.80 -12.37
CA THR A 92 -10.44 29.45 -11.89
C THR A 92 -9.16 28.63 -11.72
N ARG A 93 -8.89 28.17 -10.51
CA ARG A 93 -7.71 27.36 -10.25
C ARG A 93 -8.12 25.93 -9.94
N THR A 94 -7.50 24.97 -10.63
CA THR A 94 -7.80 23.55 -10.45
C THR A 94 -6.52 22.76 -10.59
N ILE A 95 -6.65 21.45 -10.58
CA ILE A 95 -5.51 20.55 -10.76
C ILE A 95 -5.96 19.38 -11.63
N ALA A 96 -5.35 19.25 -12.80
CA ALA A 96 -5.69 18.15 -13.70
C ALA A 96 -4.59 17.11 -13.58
N CYS A 97 -4.99 15.84 -13.66
CA CYS A 97 -4.01 14.77 -13.57
C CYS A 97 -4.52 13.54 -14.30
N GLN A 98 -3.65 12.57 -14.51
CA GLN A 98 -4.04 11.32 -15.18
C GLN A 98 -4.51 10.41 -14.06
N TYR A 99 -5.17 9.32 -14.42
CA TYR A 99 -5.62 8.39 -13.40
C TYR A 99 -4.33 7.82 -12.81
N PRO A 100 -4.13 7.98 -11.51
CA PRO A 100 -2.91 7.46 -10.88
C PRO A 100 -2.55 6.01 -11.20
N LEU A 101 -1.26 5.73 -11.36
CA LEU A 101 -0.82 4.37 -11.60
C LEU A 101 -0.75 3.71 -10.23
N GLN A 102 -0.75 2.39 -10.21
CA GLN A 102 -0.67 1.62 -8.98
C GLN A 102 0.42 2.15 -8.04
N SER A 103 1.61 2.32 -8.60
CA SER A 103 2.76 2.78 -7.82
C SER A 103 2.82 4.28 -7.52
N GLN A 104 1.81 5.03 -7.93
CA GLN A 104 1.80 6.47 -7.65
C GLN A 104 0.75 6.84 -6.62
N LEU A 105 -0.06 5.86 -6.22
CA LEU A 105 -1.12 6.10 -5.24
C LEU A 105 -0.67 6.73 -3.94
N GLU A 106 0.41 6.23 -3.37
CA GLU A 106 0.88 6.81 -2.12
C GLU A 106 1.16 8.28 -2.33
N SER A 107 1.90 8.60 -3.38
CA SER A 107 2.23 9.98 -3.65
C SER A 107 0.99 10.79 -4.01
N HIS A 108 0.01 10.12 -4.62
CA HIS A 108 -1.24 10.74 -5.03
C HIS A 108 -2.05 11.15 -3.80
N PHE A 109 -2.12 10.25 -2.82
CA PHE A 109 -2.83 10.53 -1.60
C PHE A 109 -2.21 11.69 -0.83
N ARG A 110 -0.88 11.77 -0.77
CA ARG A 110 -0.22 12.88 -0.05
C ARG A 110 -0.54 14.22 -0.72
N MET A 111 -0.65 14.18 -2.04
CA MET A 111 -0.95 15.37 -2.80
C MET A 111 -2.36 15.84 -2.43
N LEU A 112 -3.32 14.91 -2.37
CA LEU A 112 -4.69 15.28 -2.00
C LEU A 112 -4.76 15.87 -0.60
N ALA A 113 -4.07 15.23 0.33
CA ALA A 113 -4.03 15.67 1.72
C ALA A 113 -3.42 17.06 1.80
N GLU A 114 -2.16 17.19 1.39
CA GLU A 114 -1.44 18.46 1.43
C GLU A 114 -2.22 19.62 0.82
N ASN A 115 -2.86 19.32 -0.31
CA ASN A 115 -3.66 20.30 -1.05
C ASN A 115 -4.93 20.67 -0.30
N ARG A 116 -5.27 19.89 0.71
CA ARG A 116 -6.49 20.14 1.49
C ARG A 116 -7.63 20.16 0.47
N THR A 117 -7.60 19.19 -0.45
CA THR A 117 -8.57 19.04 -1.53
C THR A 117 -10.04 19.20 -1.14
N PRO A 118 -10.68 20.30 -1.60
CA PRO A 118 -12.09 20.57 -1.28
C PRO A 118 -13.02 19.65 -2.06
N VAL A 119 -12.51 19.05 -3.13
CA VAL A 119 -13.31 18.14 -3.93
C VAL A 119 -12.44 17.41 -4.95
N LEU A 120 -12.76 16.14 -5.15
CA LEU A 120 -12.05 15.31 -6.10
C LEU A 120 -13.10 14.80 -7.05
N ALA A 121 -13.00 15.17 -8.32
CA ALA A 121 -13.96 14.71 -9.34
C ALA A 121 -13.29 13.65 -10.19
N VAL A 122 -13.87 12.44 -10.22
CA VAL A 122 -13.33 11.34 -11.00
C VAL A 122 -14.30 11.04 -12.12
N LEU A 123 -13.84 11.26 -13.36
CA LEU A 123 -14.67 11.07 -14.55
C LEU A 123 -14.45 9.75 -15.30
N ALA A 124 -13.61 8.88 -14.76
CA ALA A 124 -13.35 7.60 -15.39
C ALA A 124 -14.53 6.68 -15.09
N SER A 125 -15.01 5.96 -16.12
CA SER A 125 -16.15 5.06 -15.95
C SER A 125 -15.82 3.87 -15.10
N SER A 126 -16.86 3.21 -14.60
CA SER A 126 -16.68 2.04 -13.76
C SER A 126 -16.12 0.90 -14.58
N SER A 127 -16.51 0.87 -15.85
CA SER A 127 -16.07 -0.18 -16.78
C SER A 127 -14.57 -0.17 -17.02
N GLU A 128 -14.00 1.03 -17.05
CA GLU A 128 -12.57 1.18 -17.27
C GLU A 128 -11.81 0.73 -16.02
N ILE A 129 -12.31 1.11 -14.85
CA ILE A 129 -11.70 0.75 -13.57
C ILE A 129 -11.69 -0.75 -13.37
N ALA A 130 -12.78 -1.39 -13.79
CA ALA A 130 -12.94 -2.84 -13.68
C ALA A 130 -11.99 -3.58 -14.62
N ASN A 131 -11.76 -3.01 -15.80
CA ASN A 131 -10.86 -3.61 -16.77
C ASN A 131 -9.48 -3.67 -16.15
N GLN A 132 -9.08 -4.87 -15.74
CA GLN A 132 -7.78 -5.07 -15.09
C GLN A 132 -6.58 -4.69 -15.96
N ARG A 133 -6.74 -4.74 -17.27
CA ARG A 133 -5.65 -4.39 -18.18
C ARG A 133 -5.38 -2.89 -18.19
N PHE A 134 -6.40 -2.10 -17.93
CA PHE A 134 -6.23 -0.65 -17.93
C PHE A 134 -5.39 -0.15 -16.77
N GLY A 135 -5.08 -1.02 -15.82
CA GLY A 135 -4.28 -0.64 -14.68
C GLY A 135 -4.76 0.59 -13.91
N MET A 136 -6.07 0.68 -13.70
CA MET A 136 -6.65 1.80 -12.97
C MET A 136 -7.21 1.29 -11.64
N PRO A 137 -6.43 1.41 -10.56
CA PRO A 137 -6.88 0.94 -9.25
C PRO A 137 -8.07 1.72 -8.72
N ASP A 138 -9.00 0.99 -8.11
CA ASP A 138 -10.20 1.56 -7.52
C ASP A 138 -9.82 2.01 -6.12
N TYR A 139 -9.15 3.16 -6.06
CA TYR A 139 -8.67 3.68 -4.78
C TYR A 139 -9.61 4.57 -4.01
N PHE A 140 -10.78 4.88 -4.57
CA PHE A 140 -11.68 5.77 -3.84
C PHE A 140 -13.00 5.14 -3.43
N ARG A 141 -13.32 3.98 -3.98
CA ARG A 141 -14.58 3.34 -3.64
C ARG A 141 -14.43 2.25 -2.59
N GLN A 142 -13.19 2.05 -2.12
CA GLN A 142 -12.91 1.03 -1.11
C GLN A 142 -11.82 1.50 -0.16
N SER A 143 -11.82 0.98 1.05
CA SER A 143 -10.81 1.37 2.02
C SER A 143 -9.55 0.57 1.76
N GLY A 144 -8.40 1.06 2.22
CA GLY A 144 -7.16 0.34 2.00
C GLY A 144 -5.89 0.97 2.54
N THR A 145 -4.80 0.23 2.50
CA THR A 145 -3.53 0.73 2.97
C THR A 145 -2.56 0.84 1.79
N TYR A 146 -1.86 1.97 1.70
CA TYR A 146 -0.91 2.19 0.62
C TYR A 146 0.35 2.78 1.24
N GLY A 147 1.35 1.95 1.45
CA GLY A 147 2.57 2.43 2.08
C GLY A 147 2.28 2.90 3.49
N SER A 148 2.65 4.14 3.78
CA SER A 148 2.45 4.73 5.11
C SER A 148 1.06 5.31 5.29
N ILE A 149 0.36 5.42 4.17
CA ILE A 149 -0.98 5.99 4.13
C ILE A 149 -2.11 4.99 4.32
N THR A 150 -3.11 5.39 5.09
CA THR A 150 -4.28 4.58 5.36
C THR A 150 -5.46 5.36 4.82
N VAL A 151 -6.27 4.74 3.98
CA VAL A 151 -7.40 5.43 3.40
C VAL A 151 -8.70 4.73 3.76
N GLU A 152 -9.70 5.50 4.16
CA GLU A 152 -10.96 4.90 4.48
C GLU A 152 -11.97 5.49 3.51
N SER A 153 -12.86 4.66 2.97
CA SER A 153 -13.85 5.16 2.01
C SER A 153 -15.27 4.94 2.52
N LYS A 154 -16.14 5.93 2.29
CA LYS A 154 -17.51 5.80 2.72
C LYS A 154 -18.42 6.49 1.71
N MET A 155 -19.43 5.76 1.26
CA MET A 155 -20.37 6.29 0.27
C MET A 155 -21.41 7.22 0.88
N THR A 156 -21.59 8.38 0.28
CA THR A 156 -22.56 9.34 0.78
C THR A 156 -23.79 9.44 -0.11
N GLN A 157 -23.97 10.59 -0.77
CA GLN A 157 -25.13 10.81 -1.62
C GLN A 157 -24.93 10.44 -3.09
N GLN A 158 -26.05 10.47 -3.82
CA GLN A 158 -26.07 10.19 -5.25
C GLN A 158 -26.89 11.30 -5.91
N VAL A 159 -26.29 12.06 -6.80
CA VAL A 159 -27.00 13.14 -7.45
C VAL A 159 -27.28 12.86 -8.92
N GLY A 160 -28.52 13.07 -9.33
CA GLY A 160 -28.88 12.86 -10.71
C GLY A 160 -28.40 14.06 -11.52
N LEU A 161 -27.67 13.80 -12.60
CA LEU A 161 -27.15 14.87 -13.44
C LEU A 161 -27.91 15.02 -14.75
N GLY A 162 -28.84 14.10 -15.03
CA GLY A 162 -29.60 14.17 -16.26
C GLY A 162 -29.15 13.10 -17.25
N ASP A 163 -29.94 12.90 -18.30
CA ASP A 163 -29.63 11.90 -19.32
C ASP A 163 -29.20 10.59 -18.71
N GLY A 164 -29.81 10.24 -17.58
CA GLY A 164 -29.48 8.99 -16.91
C GLY A 164 -28.12 8.95 -16.23
N ILE A 165 -27.29 9.94 -16.50
CA ILE A 165 -25.96 10.02 -15.91
C ILE A 165 -26.10 10.32 -14.42
N MET A 166 -25.37 9.57 -13.61
CA MET A 166 -25.40 9.72 -12.16
C MET A 166 -24.05 10.08 -11.56
N ALA A 167 -24.09 10.76 -10.44
CA ALA A 167 -22.88 11.14 -9.74
C ALA A 167 -22.88 10.42 -8.39
N ASP A 168 -21.89 9.57 -8.17
CA ASP A 168 -21.79 8.85 -6.91
C ASP A 168 -20.78 9.57 -6.07
N MET A 169 -21.17 9.95 -4.86
CA MET A 169 -20.27 10.65 -3.96
C MET A 169 -19.78 9.82 -2.78
N TYR A 170 -18.51 10.02 -2.44
CA TYR A 170 -17.87 9.32 -1.34
C TYR A 170 -17.11 10.32 -0.49
N THR A 171 -16.50 9.81 0.58
CA THR A 171 -15.67 10.63 1.48
C THR A 171 -14.43 9.79 1.75
N LEU A 172 -13.28 10.34 1.40
CA LEU A 172 -12.03 9.63 1.61
C LEU A 172 -11.28 10.22 2.79
N THR A 173 -10.93 9.37 3.74
CA THR A 173 -10.20 9.83 4.90
C THR A 173 -8.77 9.34 4.82
N ILE A 174 -7.86 10.29 4.65
CA ILE A 174 -6.44 10.00 4.52
C ILE A 174 -5.70 10.17 5.84
N ARG A 175 -5.14 9.08 6.34
CA ARG A 175 -4.40 9.08 7.60
C ARG A 175 -2.94 8.66 7.39
N GLU A 176 -2.04 9.39 8.01
CA GLU A 176 -0.62 9.11 7.94
C GLU A 176 0.04 9.57 9.22
N ALA A 177 0.55 8.61 9.99
CA ALA A 177 1.21 8.93 11.25
C ALA A 177 2.15 10.10 11.05
N GLY A 178 1.99 11.14 11.87
CA GLY A 178 2.86 12.30 11.77
C GLY A 178 2.26 13.45 10.98
N GLN A 179 1.17 13.14 10.28
CA GLN A 179 0.46 14.12 9.46
C GLN A 179 -0.95 14.27 10.00
N LYS A 180 -1.59 15.38 9.65
CA LYS A 180 -2.95 15.65 10.06
C LYS A 180 -3.90 14.86 9.17
N THR A 181 -4.90 14.22 9.77
CA THR A 181 -5.87 13.45 9.02
C THR A 181 -6.72 14.40 8.16
N ILE A 182 -6.84 14.07 6.88
CA ILE A 182 -7.61 14.87 5.92
C ILE A 182 -8.69 14.06 5.21
N SER A 183 -9.93 14.56 5.21
CA SER A 183 -11.00 13.88 4.51
C SER A 183 -11.26 14.71 3.26
N VAL A 184 -11.54 14.02 2.16
CA VAL A 184 -11.78 14.61 0.85
C VAL A 184 -13.13 14.21 0.29
N PRO A 185 -13.92 15.17 -0.23
CA PRO A 185 -15.23 14.88 -0.81
C PRO A 185 -15.00 14.36 -2.23
N VAL A 186 -15.58 13.22 -2.57
CA VAL A 186 -15.38 12.67 -3.90
C VAL A 186 -16.67 12.59 -4.71
N VAL A 187 -16.60 13.05 -5.96
CA VAL A 187 -17.72 13.02 -6.90
C VAL A 187 -17.31 12.12 -8.07
N HIS A 188 -17.94 10.96 -8.18
CA HIS A 188 -17.61 10.02 -9.24
C HIS A 188 -18.74 9.83 -10.23
N VAL A 189 -18.44 10.04 -11.51
CA VAL A 189 -19.41 9.81 -12.55
C VAL A 189 -18.94 8.49 -13.17
N GLY A 190 -19.74 7.44 -13.03
CA GLY A 190 -19.35 6.15 -13.55
C GLY A 190 -19.78 5.81 -14.97
N ASN A 191 -20.82 6.48 -15.47
CA ASN A 191 -21.33 6.21 -16.80
C ASN A 191 -20.99 7.24 -17.86
N TRP A 192 -19.75 7.73 -17.86
CA TRP A 192 -19.33 8.68 -18.88
C TRP A 192 -18.15 8.05 -19.64
N PRO A 193 -18.45 7.26 -20.69
CA PRO A 193 -17.43 6.59 -21.50
C PRO A 193 -16.37 7.50 -22.07
N ASP A 194 -15.18 6.96 -22.27
CA ASP A 194 -14.07 7.74 -22.79
C ASP A 194 -14.27 8.15 -24.24
N GLN A 195 -13.53 9.17 -24.63
CA GLN A 195 -13.58 9.71 -25.98
C GLN A 195 -14.99 10.08 -26.41
N THR A 196 -15.82 10.46 -25.44
CA THR A 196 -17.19 10.87 -25.73
C THR A 196 -17.48 12.12 -24.91
N ALA A 197 -18.56 12.83 -25.27
CA ALA A 197 -18.94 14.04 -24.55
C ALA A 197 -20.38 13.95 -24.12
N VAL A 198 -20.66 14.28 -22.87
CA VAL A 198 -22.03 14.25 -22.38
C VAL A 198 -22.67 15.56 -22.84
N SER A 199 -23.99 15.65 -22.80
CA SER A 199 -24.70 16.86 -23.24
C SER A 199 -24.20 18.09 -22.47
N SER A 200 -24.47 19.27 -22.99
CA SER A 200 -24.03 20.47 -22.31
C SER A 200 -24.87 20.67 -21.05
N GLU A 201 -26.10 20.13 -21.07
CA GLU A 201 -26.99 20.26 -19.92
C GLU A 201 -26.38 19.50 -18.72
N VAL A 202 -25.99 18.27 -18.98
CA VAL A 202 -25.37 17.43 -17.96
C VAL A 202 -24.10 18.08 -17.45
N THR A 203 -23.22 18.46 -18.36
CA THR A 203 -21.94 19.11 -18.03
C THR A 203 -22.13 20.33 -17.13
N LYS A 204 -23.21 21.08 -17.37
CA LYS A 204 -23.51 22.26 -16.59
C LYS A 204 -23.94 21.88 -15.18
N ALA A 205 -24.69 20.79 -15.07
CA ALA A 205 -25.14 20.33 -13.76
C ALA A 205 -23.96 19.74 -12.98
N LEU A 206 -23.09 19.00 -13.67
CA LEU A 206 -21.92 18.38 -13.05
C LEU A 206 -20.95 19.44 -12.56
N ALA A 207 -20.85 20.54 -13.28
CA ALA A 207 -19.94 21.63 -12.90
C ALA A 207 -20.45 22.32 -11.64
N SER A 208 -21.77 22.39 -11.53
CA SER A 208 -22.41 23.03 -10.37
C SER A 208 -22.23 22.22 -9.09
N LEU A 209 -22.40 20.90 -9.21
CA LEU A 209 -22.26 20.02 -8.07
C LEU A 209 -20.84 20.03 -7.53
N VAL A 210 -19.86 20.08 -8.42
CA VAL A 210 -18.44 20.10 -8.02
C VAL A 210 -18.12 21.42 -7.30
N ASP A 211 -18.59 22.55 -7.82
CA ASP A 211 -18.34 23.84 -7.16
C ASP A 211 -19.02 23.90 -5.80
N GLN A 212 -20.24 23.39 -5.72
CA GLN A 212 -20.95 23.41 -4.46
C GLN A 212 -20.23 22.56 -3.43
N THR A 213 -19.81 21.37 -3.86
CA THR A 213 -19.09 20.46 -2.98
C THR A 213 -17.80 21.14 -2.50
N ALA A 214 -17.03 21.66 -3.45
CA ALA A 214 -15.78 22.34 -3.12
C ALA A 214 -16.03 23.53 -2.20
N GLU A 215 -17.08 24.29 -2.51
CA GLU A 215 -17.45 25.48 -1.74
C GLU A 215 -17.79 25.14 -0.30
N THR A 216 -18.53 24.06 -0.09
CA THR A 216 -18.90 23.68 1.26
C THR A 216 -17.66 23.31 2.08
N LYS A 217 -16.82 22.44 1.52
CA LYS A 217 -15.60 21.95 2.18
C LYS A 217 -14.59 23.08 2.41
N ARG A 218 -14.47 23.98 1.43
CA ARG A 218 -13.54 25.08 1.56
C ARG A 218 -13.96 25.96 2.74
N ASN A 219 -15.27 26.15 2.88
CA ASN A 219 -15.83 26.96 3.97
C ASN A 219 -15.36 26.43 5.32
N MET A 220 -15.31 25.10 5.44
CA MET A 220 -14.86 24.43 6.67
C MET A 220 -13.42 24.84 7.02
N TYR A 221 -12.50 24.71 6.08
CA TYR A 221 -11.13 25.10 6.34
C TYR A 221 -11.00 26.57 6.74
N GLU A 222 -11.90 27.42 6.24
CA GLU A 222 -11.85 28.85 6.56
C GLU A 222 -12.38 29.13 7.94
N SER A 223 -13.37 28.35 8.36
CA SER A 223 -13.90 28.55 9.68
C SER A 223 -12.88 28.02 10.69
N LYS A 224 -11.95 27.18 10.24
CA LYS A 224 -10.91 26.64 11.11
C LYS A 224 -9.62 27.47 11.01
N GLY A 225 -9.66 28.53 10.21
CA GLY A 225 -8.49 29.38 10.05
C GLY A 225 -7.30 28.62 9.49
N SER A 226 -7.56 27.77 8.50
CA SER A 226 -6.51 26.97 7.88
C SER A 226 -5.49 27.83 7.18
N SER A 227 -4.26 27.34 7.10
CA SER A 227 -3.18 28.08 6.47
C SER A 227 -3.16 27.88 4.96
N ALA A 228 -4.11 27.09 4.46
CA ALA A 228 -4.21 26.83 3.03
C ALA A 228 -5.02 27.89 2.33
N VAL A 229 -5.84 28.62 3.08
CA VAL A 229 -6.65 29.66 2.48
C VAL A 229 -5.79 30.78 1.90
N ALA A 230 -4.56 30.89 2.39
CA ALA A 230 -3.65 31.94 1.93
C ALA A 230 -2.73 31.47 0.80
N ASP A 231 -2.67 30.16 0.60
CA ASP A 231 -1.81 29.58 -0.42
C ASP A 231 -2.59 29.29 -1.68
N ASP A 232 -2.23 29.97 -2.77
CA ASP A 232 -2.92 29.79 -4.04
C ASP A 232 -2.64 28.45 -4.71
N SER A 233 -1.67 27.71 -4.16
CA SER A 233 -1.33 26.41 -4.71
C SER A 233 -2.11 25.29 -4.02
N LYS A 234 -2.90 25.65 -3.01
CA LYS A 234 -3.69 24.68 -2.26
C LYS A 234 -5.17 24.99 -2.32
N LEU A 235 -5.99 24.09 -1.78
CA LEU A 235 -7.44 24.26 -1.77
C LEU A 235 -7.99 24.28 -3.19
N ARG A 236 -7.30 23.57 -4.08
CA ARG A 236 -7.70 23.48 -5.48
C ARG A 236 -8.41 22.18 -5.75
N PRO A 237 -9.54 22.24 -6.48
CA PRO A 237 -10.32 21.05 -6.84
C PRO A 237 -9.42 20.20 -7.74
N VAL A 238 -9.40 18.89 -7.50
CA VAL A 238 -8.59 17.98 -8.29
C VAL A 238 -9.54 17.20 -9.17
N ILE A 239 -9.20 17.11 -10.45
CA ILE A 239 -10.05 16.44 -11.41
C ILE A 239 -9.23 15.57 -12.33
N HIS A 240 -9.77 14.41 -12.67
CA HIS A 240 -9.10 13.52 -13.60
C HIS A 240 -10.06 12.46 -14.12
N CYS A 241 -9.77 11.97 -15.31
CA CYS A 241 -10.53 10.91 -15.97
C CYS A 241 -9.55 9.78 -16.13
N ARG A 242 -9.18 9.42 -17.35
CA ARG A 242 -8.21 8.36 -17.51
C ARG A 242 -6.87 8.99 -17.88
N ALA A 243 -6.84 9.76 -18.95
CA ALA A 243 -5.63 10.42 -19.39
C ALA A 243 -5.56 11.82 -18.80
N GLY A 244 -6.73 12.34 -18.44
CA GLY A 244 -6.83 13.68 -17.87
C GLY A 244 -6.72 14.79 -18.90
N VAL A 245 -7.19 14.53 -20.12
CA VAL A 245 -7.11 15.51 -21.20
C VAL A 245 -8.43 15.69 -21.96
N GLY A 246 -9.25 14.64 -21.96
CA GLY A 246 -10.53 14.70 -22.66
C GLY A 246 -11.67 15.11 -21.75
N ARG A 247 -12.21 14.14 -21.03
CA ARG A 247 -13.31 14.39 -20.11
C ARG A 247 -12.98 15.42 -19.03
N THR A 248 -11.73 15.42 -18.56
CA THR A 248 -11.31 16.36 -17.54
C THR A 248 -11.34 17.79 -18.07
N ALA A 249 -10.96 17.96 -19.33
CA ALA A 249 -10.93 19.27 -19.93
C ALA A 249 -12.33 19.87 -20.08
N GLN A 250 -13.28 19.02 -20.42
CA GLN A 250 -14.67 19.46 -20.62
C GLN A 250 -15.21 20.02 -19.32
N LEU A 251 -14.99 19.32 -18.22
CA LEU A 251 -15.48 19.78 -16.93
C LEU A 251 -14.83 21.07 -16.51
N ILE A 252 -13.51 21.14 -16.63
CA ILE A 252 -12.78 22.35 -16.26
C ILE A 252 -13.31 23.53 -17.08
N GLY A 253 -13.36 23.37 -18.39
CA GLY A 253 -13.88 24.44 -19.24
C GLY A 253 -15.25 24.90 -18.76
N ALA A 254 -16.08 23.95 -18.33
CA ALA A 254 -17.42 24.27 -17.84
C ALA A 254 -17.38 25.00 -16.49
N MET A 255 -16.41 24.64 -15.66
CA MET A 255 -16.26 25.26 -14.34
C MET A 255 -15.86 26.72 -14.47
N CYS A 256 -15.06 27.05 -15.48
CA CYS A 256 -14.64 28.43 -15.70
C CYS A 256 -15.83 29.30 -15.98
N MET A 257 -16.71 28.79 -16.85
CA MET A 257 -17.90 29.52 -17.25
C MET A 257 -18.86 29.70 -16.06
N ASN A 258 -18.70 28.88 -15.03
CA ASN A 258 -19.54 28.98 -13.85
C ASN A 258 -19.06 30.14 -12.99
N ASP A 259 -17.73 30.33 -12.98
CA ASP A 259 -17.11 31.38 -12.21
C ASP A 259 -17.56 32.75 -12.70
N SER A 260 -18.20 33.53 -11.83
CA SER A 260 -18.69 34.85 -12.20
C SER A 260 -17.59 35.90 -12.31
N ARG A 261 -16.34 35.46 -12.24
CA ARG A 261 -15.22 36.39 -12.34
C ARG A 261 -14.54 36.30 -13.69
N ASN A 262 -14.90 35.28 -14.48
CA ASN A 262 -14.30 35.06 -15.79
C ASN A 262 -15.03 35.72 -16.94
N SER A 263 -15.65 36.86 -16.65
CA SER A 263 -16.37 37.63 -17.66
C SER A 263 -15.41 37.99 -18.78
N GLN A 264 -15.83 37.76 -20.02
CA GLN A 264 -15.02 38.09 -21.20
C GLN A 264 -13.90 37.11 -21.53
N LEU A 265 -13.80 36.02 -20.77
CA LEU A 265 -12.77 35.03 -21.05
C LEU A 265 -13.35 34.24 -22.20
N SER A 266 -12.63 34.22 -23.33
CA SER A 266 -13.13 33.51 -24.49
C SER A 266 -12.85 32.02 -24.49
N VAL A 267 -13.49 31.32 -25.42
CA VAL A 267 -13.28 29.88 -25.54
C VAL A 267 -11.85 29.65 -26.00
N GLU A 268 -11.32 30.57 -26.79
CA GLU A 268 -9.95 30.47 -27.27
C GLU A 268 -9.02 30.55 -26.07
N ASP A 269 -9.29 31.49 -25.17
CA ASP A 269 -8.47 31.65 -23.97
C ASP A 269 -8.44 30.37 -23.14
N MET A 270 -9.60 29.83 -22.82
CA MET A 270 -9.73 28.62 -22.01
C MET A 270 -8.89 27.45 -22.48
N VAL A 271 -9.14 27.01 -23.70
CA VAL A 271 -8.41 25.87 -24.24
C VAL A 271 -6.92 26.16 -24.34
N SER A 272 -6.57 27.35 -24.82
CA SER A 272 -5.17 27.76 -24.91
C SER A 272 -4.51 27.55 -23.55
N GLN A 273 -5.04 28.22 -22.54
CA GLN A 273 -4.48 28.14 -21.20
C GLN A 273 -4.39 26.73 -20.65
N MET A 274 -5.36 25.88 -20.99
CA MET A 274 -5.29 24.51 -20.52
C MET A 274 -4.16 23.73 -21.19
N ARG A 275 -3.98 23.93 -22.48
CA ARG A 275 -2.95 23.21 -23.22
C ARG A 275 -1.53 23.65 -22.87
N VAL A 276 -1.36 24.94 -22.67
CA VAL A 276 -0.06 25.49 -22.32
C VAL A 276 0.33 25.14 -20.89
N GLN A 277 -0.66 24.83 -20.04
CA GLN A 277 -0.40 24.48 -18.65
C GLN A 277 -0.37 22.97 -18.35
N ARG A 278 -0.74 22.14 -19.34
CA ARG A 278 -0.69 20.70 -19.16
C ARG A 278 -0.07 20.04 -20.40
N ASN A 279 -0.82 20.03 -21.51
CA ASN A 279 -0.36 19.52 -22.80
C ASN A 279 -1.36 19.82 -23.93
N GLY A 280 -0.84 19.98 -25.14
CA GLY A 280 -1.67 20.30 -26.29
C GLY A 280 -2.85 19.38 -26.60
N ILE A 281 -3.07 18.37 -25.77
CA ILE A 281 -4.15 17.42 -25.99
C ILE A 281 -5.45 17.81 -25.26
N MET A 282 -5.31 18.67 -24.25
CA MET A 282 -6.46 19.12 -23.46
C MET A 282 -7.63 19.44 -24.38
N VAL A 283 -8.73 18.72 -24.18
CA VAL A 283 -9.95 18.83 -24.99
C VAL A 283 -9.61 18.03 -26.23
N GLN A 284 -9.70 16.72 -26.10
CA GLN A 284 -9.37 15.81 -27.19
C GLN A 284 -10.37 15.77 -28.32
N LYS A 285 -11.54 15.20 -28.08
CA LYS A 285 -12.57 15.08 -29.09
C LYS A 285 -13.20 16.42 -29.44
N ASP A 286 -13.55 16.58 -30.71
CA ASP A 286 -14.21 17.79 -31.19
C ASP A 286 -15.57 17.88 -30.56
N GLU A 287 -16.18 16.72 -30.34
CA GLU A 287 -17.50 16.68 -29.73
C GLU A 287 -17.45 17.31 -28.36
N GLN A 288 -16.28 17.31 -27.74
CA GLN A 288 -16.14 17.90 -26.42
C GLN A 288 -16.03 19.41 -26.56
N LEU A 289 -15.22 19.88 -27.50
CA LEU A 289 -15.09 21.32 -27.70
C LEU A 289 -16.45 21.91 -28.09
N ASP A 290 -17.29 21.10 -28.75
CA ASP A 290 -18.62 21.55 -29.18
C ASP A 290 -19.52 21.83 -27.98
N VAL A 291 -19.35 21.06 -26.91
CA VAL A 291 -20.15 21.28 -25.74
C VAL A 291 -19.72 22.60 -25.13
N LEU A 292 -18.43 22.87 -25.13
CA LEU A 292 -17.95 24.12 -24.55
C LEU A 292 -18.45 25.30 -25.38
N ILE A 293 -18.42 25.14 -26.69
CA ILE A 293 -18.87 26.18 -27.60
C ILE A 293 -20.35 26.48 -27.36
N LYS A 294 -21.13 25.43 -27.15
CA LYS A 294 -22.55 25.55 -26.90
C LYS A 294 -22.82 26.30 -25.60
N LEU A 295 -22.07 25.99 -24.55
CA LEU A 295 -22.27 26.66 -23.27
C LEU A 295 -21.89 28.12 -23.38
N ALA A 296 -20.81 28.41 -24.11
CA ALA A 296 -20.35 29.78 -24.29
C ALA A 296 -21.42 30.58 -25.04
N GLU A 297 -22.02 29.96 -26.04
CA GLU A 297 -23.05 30.64 -26.83
C GLU A 297 -24.24 30.99 -25.95
N GLY A 298 -24.55 30.11 -25.01
CA GLY A 298 -25.66 30.34 -24.11
C GLY A 298 -25.36 31.48 -23.17
N GLN A 299 -24.09 31.85 -23.06
CA GLN A 299 -23.71 32.94 -22.16
C GLN A 299 -23.33 34.19 -22.93
N GLY A 300 -23.27 34.09 -24.25
CA GLY A 300 -22.89 35.24 -25.03
C GLY A 300 -21.39 35.49 -24.89
N ARG A 301 -20.69 34.44 -24.47
CA ARG A 301 -19.24 34.47 -24.29
C ARG A 301 -18.58 34.38 -25.65
N PRO A 302 -17.52 35.16 -25.85
CA PRO A 302 -16.82 35.13 -27.13
C PRO A 302 -16.05 33.84 -27.38
N LEU A 303 -16.02 33.41 -28.64
CA LEU A 303 -15.29 32.21 -29.01
C LEU A 303 -13.84 32.58 -29.27
N LEU A 304 -13.65 33.58 -30.13
CA LEU A 304 -12.31 34.04 -30.53
C LEU A 304 -11.89 35.32 -29.81
N ASN A 305 -10.59 35.64 -29.89
CA ASN A 305 -10.06 36.84 -29.27
C ASN A 305 -9.93 37.98 -30.26
N SER A 306 -9.89 39.20 -29.74
CA SER A 306 -9.75 40.39 -30.57
C SER A 306 -10.92 40.51 -31.52
N SER B 25 25.86 -34.00 36.59
CA SER B 25 24.65 -34.17 35.72
C SER B 25 24.74 -33.35 34.44
N PRO B 26 24.36 -33.96 33.30
CA PRO B 26 24.40 -33.28 32.00
C PRO B 26 23.50 -32.05 31.98
N TYR B 27 22.64 -31.93 32.98
CA TYR B 27 21.74 -30.77 33.08
C TYR B 27 21.90 -30.05 34.42
N GLY B 28 23.05 -30.24 35.05
CA GLY B 28 23.31 -29.61 36.32
C GLY B 28 23.80 -28.18 36.15
N PRO B 29 23.92 -27.42 37.26
CA PRO B 29 24.38 -26.03 37.24
C PRO B 29 25.67 -25.79 36.47
N GLU B 30 26.62 -26.71 36.61
CA GLU B 30 27.90 -26.60 35.92
C GLU B 30 27.71 -26.61 34.41
N ALA B 31 26.86 -27.51 33.92
CA ALA B 31 26.58 -27.61 32.51
C ALA B 31 25.83 -26.37 32.03
N ARG B 32 24.80 -25.97 32.79
CA ARG B 32 23.99 -24.79 32.45
C ARG B 32 24.85 -23.52 32.40
N ALA B 33 25.84 -23.45 33.29
CA ALA B 33 26.74 -22.31 33.35
C ALA B 33 27.66 -22.28 32.14
N GLU B 34 28.10 -23.45 31.71
CA GLU B 34 29.00 -23.58 30.57
C GLU B 34 28.27 -23.14 29.29
N LEU B 35 27.08 -23.66 29.09
CA LEU B 35 26.27 -23.36 27.93
C LEU B 35 26.05 -21.86 27.80
N SER B 36 25.69 -21.22 28.91
CA SER B 36 25.46 -19.78 28.88
C SER B 36 26.70 -19.02 28.50
N SER B 37 27.83 -19.48 29.02
CA SER B 37 29.10 -18.86 28.74
C SER B 37 29.34 -18.83 27.24
N ARG B 38 29.18 -19.97 26.59
CA ARG B 38 29.39 -20.05 25.16
C ARG B 38 28.38 -19.18 24.41
N LEU B 39 27.12 -19.24 24.83
CA LEU B 39 26.07 -18.45 24.18
C LEU B 39 26.35 -16.96 24.32
N THR B 40 26.76 -16.53 25.51
CA THR B 40 27.05 -15.12 25.75
C THR B 40 28.13 -14.62 24.80
N THR B 41 29.21 -15.39 24.69
CA THR B 41 30.34 -15.05 23.82
C THR B 41 29.86 -14.87 22.37
N LEU B 42 29.00 -15.79 21.93
CA LEU B 42 28.48 -15.75 20.57
C LEU B 42 27.64 -14.49 20.34
N ARG B 43 26.69 -14.23 21.23
CA ARG B 43 25.84 -13.05 21.11
C ARG B 43 26.68 -11.76 20.99
N ASN B 44 27.80 -11.69 21.69
CA ASN B 44 28.64 -10.48 21.63
C ASN B 44 29.36 -10.39 20.29
N THR B 45 29.79 -11.52 19.75
CA THR B 45 30.48 -11.56 18.48
C THR B 45 29.54 -11.16 17.34
N LEU B 46 28.29 -11.59 17.41
CA LEU B 46 27.31 -11.28 16.38
C LEU B 46 26.68 -9.92 16.55
N ALA B 47 27.15 -9.17 17.54
CA ALA B 47 26.63 -7.83 17.78
C ALA B 47 26.81 -7.04 16.50
N PRO B 48 25.73 -6.41 16.03
CA PRO B 48 25.74 -5.61 14.80
C PRO B 48 26.58 -4.34 14.90
N ALA B 49 27.60 -4.24 14.05
CA ALA B 49 28.45 -3.07 14.03
C ALA B 49 27.88 -2.08 13.02
N THR B 50 28.11 -0.79 13.25
CA THR B 50 27.61 0.24 12.37
C THR B 50 27.94 -0.11 10.92
N ASN B 51 26.91 -0.24 10.09
CA ASN B 51 27.09 -0.59 8.68
C ASN B 51 27.81 -1.94 8.54
N ASP B 52 27.36 -2.90 9.34
CA ASP B 52 27.93 -4.25 9.36
C ASP B 52 27.67 -4.99 8.04
N PRO B 53 28.72 -5.55 7.42
CA PRO B 53 28.60 -6.28 6.15
C PRO B 53 27.93 -7.66 6.30
N ARG B 54 27.54 -8.01 7.52
CA ARG B 54 26.88 -9.28 7.81
C ARG B 54 25.37 -9.13 7.91
N TYR B 55 24.91 -7.89 8.07
CA TYR B 55 23.50 -7.62 8.20
C TYR B 55 22.92 -6.78 7.08
N LEU B 56 21.63 -6.98 6.82
CA LEU B 56 20.92 -6.24 5.80
C LEU B 56 20.89 -4.77 6.16
N GLN B 57 21.19 -3.89 5.21
CA GLN B 57 21.17 -2.46 5.46
C GLN B 57 19.98 -1.80 4.76
N ALA B 58 19.41 -0.77 5.36
CA ALA B 58 18.28 -0.09 4.75
C ALA B 58 18.75 0.71 3.53
N CYS B 59 18.32 0.28 2.34
CA CYS B 59 18.69 0.96 1.10
C CYS B 59 17.69 2.07 0.78
N GLY B 60 18.13 3.32 0.95
CA GLY B 60 17.28 4.46 0.69
C GLY B 60 16.77 5.11 1.96
N GLY B 61 15.53 5.60 1.93
CA GLY B 61 14.95 6.24 3.08
C GLY B 61 13.80 5.46 3.70
N GLU B 62 13.74 4.17 3.37
CA GLU B 62 12.68 3.30 3.89
C GLU B 62 13.16 2.58 5.14
N LYS B 63 12.36 2.60 6.19
CA LYS B 63 12.73 1.94 7.43
C LYS B 63 12.60 0.42 7.29
N LEU B 64 13.66 -0.29 7.64
CA LEU B 64 13.67 -1.73 7.54
C LEU B 64 13.49 -2.42 8.89
N ASN B 65 14.37 -2.10 9.82
CA ASN B 65 14.34 -2.70 11.16
C ASN B 65 13.33 -2.05 12.08
N ARG B 66 12.59 -2.87 12.82
CA ARG B 66 11.61 -2.37 13.76
C ARG B 66 12.39 -1.84 14.96
N PHE B 67 13.58 -2.41 15.16
CA PHE B 67 14.46 -2.01 16.24
C PHE B 67 15.89 -1.93 15.72
N ARG B 68 16.59 -0.87 16.08
CA ARG B 68 17.95 -0.68 15.62
C ARG B 68 18.92 -1.71 16.17
N ASP B 69 18.52 -2.45 17.21
CA ASP B 69 19.38 -3.47 17.81
C ASP B 69 19.01 -4.91 17.38
N ILE B 70 17.85 -5.06 16.75
CA ILE B 70 17.40 -6.36 16.27
C ILE B 70 17.52 -6.35 14.76
N GLN B 71 18.66 -6.82 14.27
CA GLN B 71 18.91 -6.82 12.84
C GLN B 71 18.76 -8.16 12.15
N CYS B 72 18.79 -8.11 10.82
CA CYS B 72 18.60 -9.27 9.96
C CYS B 72 19.87 -9.68 9.22
N ARG B 73 20.26 -10.95 9.33
CA ARG B 73 21.44 -11.44 8.63
C ARG B 73 21.29 -11.31 7.12
N ARG B 74 22.35 -10.91 6.44
CA ARG B 74 22.30 -10.73 4.99
C ARG B 74 22.26 -12.04 4.18
N GLN B 75 23.14 -12.98 4.48
CA GLN B 75 23.18 -14.24 3.72
C GLN B 75 22.02 -15.21 3.87
N THR B 76 21.05 -14.87 4.71
CA THR B 76 19.91 -15.74 4.91
C THR B 76 18.62 -14.96 4.79
N ALA B 77 18.73 -13.69 4.42
CA ALA B 77 17.53 -12.86 4.29
C ALA B 77 16.63 -13.36 3.15
N VAL B 78 15.33 -13.28 3.38
CA VAL B 78 14.33 -13.72 2.39
C VAL B 78 14.25 -12.65 1.31
N ARG B 79 13.97 -11.42 1.71
CA ARG B 79 13.86 -10.31 0.77
C ARG B 79 14.74 -9.15 1.23
N ALA B 80 15.06 -8.25 0.30
CA ALA B 80 15.91 -7.11 0.62
C ALA B 80 15.18 -6.02 1.38
N ASP B 81 13.86 -6.07 1.42
CA ASP B 81 13.09 -5.03 2.11
C ASP B 81 12.34 -5.51 3.33
N LEU B 82 12.65 -6.73 3.78
CA LEU B 82 12.00 -7.27 4.96
C LEU B 82 13.04 -7.76 5.94
N ASN B 83 12.69 -7.72 7.23
CA ASN B 83 13.59 -8.18 8.27
C ASN B 83 13.13 -9.60 8.57
N ALA B 84 13.66 -10.53 7.79
CA ALA B 84 13.29 -11.92 7.93
C ALA B 84 14.44 -12.79 7.46
N ASN B 85 14.56 -13.96 8.06
CA ASN B 85 15.64 -14.86 7.69
C ASN B 85 15.22 -16.31 7.47
N TYR B 86 15.95 -16.98 6.60
CA TYR B 86 15.71 -18.40 6.37
C TYR B 86 16.49 -19.05 7.48
N ILE B 87 15.85 -19.89 8.27
CA ILE B 87 16.57 -20.54 9.35
C ILE B 87 16.45 -22.04 9.26
N GLN B 88 17.57 -22.73 9.43
CA GLN B 88 17.55 -24.18 9.43
C GLN B 88 18.39 -24.70 10.59
N VAL B 89 17.74 -25.25 11.60
CA VAL B 89 18.46 -25.82 12.73
C VAL B 89 18.23 -27.31 12.61
N GLY B 90 19.29 -28.01 12.22
CA GLY B 90 19.22 -29.44 12.01
C GLY B 90 18.58 -29.68 10.66
N ASN B 91 17.48 -30.43 10.67
CA ASN B 91 16.73 -30.72 9.46
C ASN B 91 15.45 -29.87 9.43
N THR B 92 15.24 -29.06 10.46
CA THR B 92 14.05 -28.21 10.54
C THR B 92 14.25 -26.88 9.81
N ARG B 93 13.42 -26.62 8.81
CA ARG B 93 13.54 -25.37 8.05
C ARG B 93 12.33 -24.49 8.36
N THR B 94 12.59 -23.24 8.70
CA THR B 94 11.53 -22.29 9.04
C THR B 94 11.95 -20.92 8.54
N ILE B 95 11.15 -19.92 8.88
CA ILE B 95 11.43 -18.53 8.52
C ILE B 95 11.05 -17.66 9.71
N ALA B 96 12.04 -16.96 10.27
CA ALA B 96 11.80 -16.08 11.40
C ALA B 96 11.79 -14.65 10.86
N CYS B 97 10.93 -13.82 11.41
CA CYS B 97 10.85 -12.43 10.99
C CYS B 97 10.32 -11.56 12.11
N GLN B 98 10.44 -10.24 11.94
CA GLN B 98 9.93 -9.30 12.94
C GLN B 98 8.48 -9.05 12.56
N TYR B 99 7.72 -8.44 13.45
CA TYR B 99 6.34 -8.15 13.12
C TYR B 99 6.44 -7.10 12.01
N PRO B 100 5.86 -7.39 10.83
CA PRO B 100 5.93 -6.43 9.73
C PRO B 100 5.52 -4.99 10.06
N LEU B 101 6.23 -4.03 9.47
CA LEU B 101 5.90 -2.64 9.66
C LEU B 101 4.76 -2.34 8.69
N GLN B 102 4.02 -1.28 8.95
CA GLN B 102 2.91 -0.85 8.10
C GLN B 102 3.29 -0.89 6.62
N SER B 103 4.40 -0.26 6.29
CA SER B 103 4.86 -0.16 4.91
C SER B 103 5.54 -1.42 4.34
N GLN B 104 5.60 -2.51 5.11
CA GLN B 104 6.22 -3.73 4.62
C GLN B 104 5.18 -4.82 4.37
N LEU B 105 3.93 -4.54 4.72
CA LEU B 105 2.85 -5.51 4.58
C LEU B 105 2.66 -6.05 3.16
N GLU B 106 2.71 -5.18 2.17
CA GLU B 106 2.55 -5.65 0.81
C GLU B 106 3.64 -6.67 0.52
N SER B 107 4.88 -6.30 0.80
CA SER B 107 5.99 -7.19 0.53
C SER B 107 5.92 -8.45 1.40
N HIS B 108 5.34 -8.32 2.58
CA HIS B 108 5.19 -9.42 3.54
C HIS B 108 4.19 -10.44 2.98
N PHE B 109 3.09 -9.93 2.45
CA PHE B 109 2.08 -10.81 1.87
C PHE B 109 2.62 -11.58 0.66
N ARG B 110 3.41 -10.93 -0.20
CA ARG B 110 3.96 -11.62 -1.37
C ARG B 110 4.90 -12.74 -0.94
N MET B 111 5.61 -12.50 0.15
CA MET B 111 6.54 -13.48 0.69
C MET B 111 5.74 -14.70 1.15
N LEU B 112 4.64 -14.48 1.86
CA LEU B 112 3.81 -15.59 2.32
C LEU B 112 3.25 -16.40 1.16
N ALA B 113 2.75 -15.69 0.15
CA ALA B 113 2.18 -16.32 -1.04
C ALA B 113 3.24 -17.14 -1.75
N GLU B 114 4.29 -16.47 -2.22
CA GLU B 114 5.38 -17.13 -2.93
C GLU B 114 5.90 -18.38 -2.22
N ASN B 115 6.06 -18.26 -0.90
CA ASN B 115 6.57 -19.32 -0.05
C ASN B 115 5.56 -20.46 0.07
N ARG B 116 4.33 -20.22 -0.36
CA ARG B 116 3.29 -21.25 -0.28
C ARG B 116 3.26 -21.68 1.18
N THR B 117 3.28 -20.69 2.07
CA THR B 117 3.27 -20.86 3.53
C THR B 117 2.27 -21.88 4.07
N PRO B 118 2.78 -23.01 4.58
CA PRO B 118 1.89 -24.06 5.13
C PRO B 118 1.30 -23.67 6.48
N VAL B 119 1.93 -22.68 7.13
CA VAL B 119 1.44 -22.21 8.40
C VAL B 119 2.15 -20.93 8.81
N LEU B 120 1.41 -20.02 9.43
CA LEU B 120 1.96 -18.76 9.91
C LEU B 120 1.61 -18.72 11.38
N ALA B 121 2.64 -18.73 12.23
CA ALA B 121 2.45 -18.66 13.68
C ALA B 121 2.76 -17.24 14.15
N VAL B 122 1.79 -16.59 14.77
CA VAL B 122 1.96 -15.23 15.27
C VAL B 122 1.91 -15.29 16.79
N LEU B 123 3.04 -14.95 17.42
CA LEU B 123 3.15 -15.00 18.88
C LEU B 123 3.02 -13.66 19.60
N ALA B 124 2.74 -12.60 18.84
CA ALA B 124 2.56 -11.29 19.45
C ALA B 124 1.18 -11.24 20.13
N SER B 125 1.12 -10.72 21.35
CA SER B 125 -0.14 -10.63 22.10
C SER B 125 -1.10 -9.65 21.48
N SER B 126 -2.37 -9.79 21.84
CA SER B 126 -3.40 -8.90 21.31
C SER B 126 -3.20 -7.51 21.85
N SER B 127 -2.69 -7.43 23.07
CA SER B 127 -2.45 -6.14 23.74
C SER B 127 -1.41 -5.29 23.03
N GLU B 128 -0.41 -5.96 22.46
CA GLU B 128 0.64 -5.26 21.74
C GLU B 128 0.10 -4.72 20.42
N ILE B 129 -0.68 -5.54 19.73
CA ILE B 129 -1.28 -5.19 18.43
C ILE B 129 -2.22 -4.00 18.59
N ALA B 130 -2.95 -3.99 19.70
CA ALA B 130 -3.90 -2.93 20.01
C ALA B 130 -3.18 -1.62 20.31
N ASN B 131 -2.04 -1.72 20.98
CA ASN B 131 -1.25 -0.53 21.31
C ASN B 131 -0.84 0.14 20.01
N GLN B 132 -1.50 1.24 19.70
CA GLN B 132 -1.25 1.99 18.46
C GLN B 132 0.19 2.51 18.33
N ARG B 133 0.86 2.73 19.46
CA ARG B 133 2.23 3.22 19.44
C ARG B 133 3.23 2.15 18.99
N PHE B 134 2.89 0.88 19.23
CA PHE B 134 3.78 -0.19 18.83
C PHE B 134 3.85 -0.39 17.33
N GLY B 135 2.99 0.31 16.59
CA GLY B 135 3.00 0.20 15.15
C GLY B 135 2.91 -1.21 14.58
N MET B 136 2.08 -2.06 15.19
CA MET B 136 1.91 -3.42 14.74
C MET B 136 0.50 -3.56 14.16
N PRO B 137 0.38 -3.49 12.81
CA PRO B 137 -0.93 -3.62 12.17
C PRO B 137 -1.54 -5.01 12.31
N ASP B 138 -2.85 -5.03 12.57
CA ASP B 138 -3.59 -6.28 12.71
C ASP B 138 -3.96 -6.73 11.30
N TYR B 139 -2.98 -7.34 10.62
CA TYR B 139 -3.18 -7.75 9.24
C TYR B 139 -3.70 -9.14 9.02
N PHE B 140 -3.91 -9.90 10.09
CA PHE B 140 -4.39 -11.27 9.87
C PHE B 140 -5.74 -11.57 10.47
N ARG B 141 -6.24 -10.68 11.33
CA ARG B 141 -7.53 -10.90 11.96
C ARG B 141 -8.65 -10.15 11.27
N GLN B 142 -8.31 -9.42 10.21
CA GLN B 142 -9.31 -8.65 9.48
C GLN B 142 -8.97 -8.63 7.99
N SER B 143 -9.99 -8.44 7.17
CA SER B 143 -9.78 -8.41 5.72
C SER B 143 -9.30 -7.02 5.33
N GLY B 144 -8.64 -6.90 4.19
CA GLY B 144 -8.17 -5.58 3.77
C GLY B 144 -7.41 -5.55 2.46
N THR B 145 -7.14 -4.34 1.99
CA THR B 145 -6.39 -4.16 0.76
C THR B 145 -5.06 -3.47 1.07
N TYR B 146 -3.98 -3.99 0.51
CA TYR B 146 -2.65 -3.42 0.70
C TYR B 146 -1.98 -3.34 -0.65
N GLY B 147 -1.99 -2.16 -1.25
CA GLY B 147 -1.38 -2.02 -2.55
C GLY B 147 -2.14 -2.87 -3.57
N SER B 148 -1.43 -3.72 -4.30
CA SER B 148 -2.01 -4.59 -5.32
C SER B 148 -2.62 -5.85 -4.73
N ILE B 149 -2.30 -6.09 -3.47
CA ILE B 149 -2.75 -7.28 -2.77
C ILE B 149 -4.07 -7.11 -2.04
N THR B 150 -4.89 -8.15 -2.09
CA THR B 150 -6.19 -8.17 -1.44
C THR B 150 -6.13 -9.34 -0.47
N VAL B 151 -6.43 -9.10 0.79
CA VAL B 151 -6.38 -10.16 1.78
C VAL B 151 -7.74 -10.37 2.42
N GLU B 152 -8.14 -11.62 2.56
CA GLU B 152 -9.42 -11.89 3.19
C GLU B 152 -9.10 -12.73 4.43
N SER B 153 -9.75 -12.42 5.54
CA SER B 153 -9.49 -13.16 6.78
C SER B 153 -10.75 -13.85 7.28
N LYS B 154 -10.60 -15.07 7.78
CA LYS B 154 -11.74 -15.81 8.30
C LYS B 154 -11.29 -16.65 9.48
N MET B 155 -12.00 -16.52 10.59
CA MET B 155 -11.66 -17.25 11.81
C MET B 155 -12.15 -18.70 11.77
N THR B 156 -11.26 -19.62 12.11
CA THR B 156 -11.62 -21.04 12.09
C THR B 156 -11.72 -21.61 13.51
N GLN B 157 -10.82 -22.50 13.89
CA GLN B 157 -10.87 -23.13 15.20
C GLN B 157 -10.07 -22.43 16.28
N GLN B 158 -10.28 -22.89 17.51
CA GLN B 158 -9.58 -22.39 18.69
C GLN B 158 -9.09 -23.61 19.46
N VAL B 159 -7.78 -23.70 19.66
CA VAL B 159 -7.21 -24.84 20.36
C VAL B 159 -6.66 -24.47 21.71
N GLY B 160 -7.04 -25.23 22.73
CA GLY B 160 -6.53 -24.97 24.06
C GLY B 160 -5.11 -25.50 24.15
N LEU B 161 -4.18 -24.68 24.63
CA LEU B 161 -2.79 -25.10 24.73
C LEU B 161 -2.37 -25.38 26.17
N GLY B 162 -3.24 -25.07 27.12
CA GLY B 162 -2.91 -25.28 28.52
C GLY B 162 -2.62 -23.97 29.23
N ASP B 163 -2.58 -24.01 30.56
CA ASP B 163 -2.33 -22.81 31.38
C ASP B 163 -3.17 -21.63 30.92
N GLY B 164 -4.38 -21.91 30.47
CA GLY B 164 -5.29 -20.87 30.01
C GLY B 164 -4.92 -20.23 28.68
N ILE B 165 -3.72 -20.54 28.19
CA ILE B 165 -3.25 -19.99 26.92
C ILE B 165 -4.05 -20.63 25.79
N MET B 166 -4.52 -19.79 24.88
CA MET B 166 -5.33 -20.23 23.75
C MET B 166 -4.68 -19.90 22.40
N ALA B 167 -5.01 -20.73 21.41
CA ALA B 167 -4.50 -20.50 20.07
C ALA B 167 -5.70 -20.20 19.18
N ASP B 168 -5.71 -19.02 18.59
CA ASP B 168 -6.80 -18.62 17.70
C ASP B 168 -6.33 -18.84 16.28
N MET B 169 -7.08 -19.61 15.51
CA MET B 169 -6.71 -19.87 14.14
C MET B 169 -7.58 -19.18 13.10
N TYR B 170 -6.93 -18.73 12.02
CA TYR B 170 -7.60 -18.04 10.94
C TYR B 170 -7.11 -18.62 9.61
N THR B 171 -7.66 -18.10 8.52
CA THR B 171 -7.28 -18.49 7.17
C THR B 171 -7.16 -17.20 6.40
N LEU B 172 -5.98 -16.94 5.85
CA LEU B 172 -5.75 -15.73 5.09
C LEU B 172 -5.70 -16.05 3.61
N THR B 173 -6.51 -15.34 2.83
CA THR B 173 -6.52 -15.57 1.39
C THR B 173 -5.90 -14.38 0.69
N ILE B 174 -4.76 -14.63 0.09
CA ILE B 174 -3.99 -13.60 -0.60
C ILE B 174 -4.26 -13.61 -2.10
N ARG B 175 -4.81 -12.52 -2.60
CA ARG B 175 -5.13 -12.37 -4.02
C ARG B 175 -4.39 -11.19 -4.64
N GLU B 176 -3.84 -11.43 -5.82
CA GLU B 176 -3.11 -10.41 -6.54
C GLU B 176 -3.25 -10.70 -8.03
N ALA B 177 -3.91 -9.80 -8.74
CA ALA B 177 -4.12 -9.96 -10.16
C ALA B 177 -2.80 -10.34 -10.84
N GLY B 178 -2.81 -11.44 -11.57
CA GLY B 178 -1.61 -11.90 -12.25
C GLY B 178 -0.88 -12.99 -11.51
N GLN B 179 -1.27 -13.21 -10.26
CA GLN B 179 -0.67 -14.23 -9.41
C GLN B 179 -1.74 -15.22 -9.02
N LYS B 180 -1.30 -16.38 -8.57
CA LYS B 180 -2.20 -17.44 -8.12
C LYS B 180 -2.65 -17.13 -6.69
N THR B 181 -3.94 -17.27 -6.44
CA THR B 181 -4.48 -17.02 -5.11
C THR B 181 -3.96 -18.07 -4.14
N ILE B 182 -3.46 -17.61 -3.00
CA ILE B 182 -2.89 -18.48 -1.96
C ILE B 182 -3.53 -18.26 -0.59
N SER B 183 -3.99 -19.34 0.04
CA SER B 183 -4.57 -19.22 1.37
C SER B 183 -3.52 -19.79 2.31
N VAL B 184 -3.41 -19.14 3.48
CA VAL B 184 -2.44 -19.48 4.50
C VAL B 184 -3.12 -19.77 5.84
N PRO B 185 -2.75 -20.88 6.51
CA PRO B 185 -3.33 -21.23 7.80
C PRO B 185 -2.63 -20.41 8.88
N VAL B 186 -3.39 -19.68 9.69
CA VAL B 186 -2.79 -18.87 10.74
C VAL B 186 -3.10 -19.36 12.15
N VAL B 187 -2.06 -19.42 12.98
CA VAL B 187 -2.15 -19.82 14.39
C VAL B 187 -1.70 -18.61 15.23
N HIS B 188 -2.63 -18.00 15.93
CA HIS B 188 -2.32 -16.83 16.75
C HIS B 188 -2.50 -17.08 18.22
N VAL B 189 -1.46 -16.83 18.99
CA VAL B 189 -1.53 -16.96 20.44
C VAL B 189 -1.59 -15.51 20.88
N GLY B 190 -2.70 -15.12 21.49
CA GLY B 190 -2.87 -13.74 21.93
C GLY B 190 -2.46 -13.41 23.34
N ASN B 191 -2.41 -14.41 24.23
CA ASN B 191 -2.06 -14.19 25.61
C ASN B 191 -0.66 -14.61 26.03
N TRP B 192 0.33 -14.35 25.19
CA TRP B 192 1.71 -14.69 25.52
C TRP B 192 2.52 -13.40 25.53
N PRO B 193 2.54 -12.70 26.70
CA PRO B 193 3.26 -11.44 26.84
C PRO B 193 4.73 -11.49 26.45
N ASP B 194 5.25 -10.34 26.00
CA ASP B 194 6.64 -10.27 25.58
C ASP B 194 7.60 -10.41 26.74
N GLN B 195 8.83 -10.76 26.40
CA GLN B 195 9.90 -10.95 27.36
C GLN B 195 9.52 -11.93 28.47
N THR B 196 8.66 -12.89 28.14
CA THR B 196 8.25 -13.91 29.10
C THR B 196 8.28 -15.25 28.38
N ALA B 197 8.24 -16.33 29.15
CA ALA B 197 8.25 -17.68 28.57
C ALA B 197 7.09 -18.48 29.13
N VAL B 198 6.36 -19.16 28.24
CA VAL B 198 5.25 -19.98 28.70
C VAL B 198 5.86 -21.30 29.18
N SER B 199 5.10 -22.09 29.93
CA SER B 199 5.61 -23.37 30.44
C SER B 199 6.09 -24.26 29.30
N SER B 200 6.91 -25.26 29.62
CA SER B 200 7.40 -26.15 28.59
C SER B 200 6.26 -27.02 28.08
N GLU B 201 5.26 -27.25 28.93
CA GLU B 201 4.12 -28.07 28.55
C GLU B 201 3.35 -27.37 27.42
N VAL B 202 3.07 -26.09 27.63
CA VAL B 202 2.36 -25.30 26.65
C VAL B 202 3.15 -25.24 25.35
N THR B 203 4.43 -24.88 25.44
CA THR B 203 5.32 -24.78 24.29
C THR B 203 5.33 -26.06 23.47
N LYS B 204 5.26 -27.20 24.15
CA LYS B 204 5.26 -28.49 23.48
C LYS B 204 3.95 -28.72 22.73
N ALA B 205 2.85 -28.24 23.30
CA ALA B 205 1.56 -28.39 22.66
C ALA B 205 1.45 -27.43 21.48
N LEU B 206 1.97 -26.21 21.64
CA LEU B 206 1.94 -25.21 20.58
C LEU B 206 2.81 -25.64 19.39
N ALA B 207 3.90 -26.34 19.67
CA ALA B 207 4.80 -26.80 18.61
C ALA B 207 4.13 -27.90 17.80
N SER B 208 3.33 -28.70 18.49
CA SER B 208 2.62 -29.80 17.84
C SER B 208 1.50 -29.30 16.92
N LEU B 209 0.76 -28.30 17.38
CA LEU B 209 -0.32 -27.75 16.59
C LEU B 209 0.20 -27.10 15.31
N VAL B 210 1.34 -26.42 15.40
CA VAL B 210 1.93 -25.76 14.24
C VAL B 210 2.41 -26.81 13.23
N ASP B 211 3.04 -27.88 13.69
CA ASP B 211 3.51 -28.93 12.77
C ASP B 211 2.34 -29.62 12.10
N GLN B 212 1.29 -29.90 12.87
CA GLN B 212 0.12 -30.55 12.32
C GLN B 212 -0.53 -29.67 11.26
N THR B 213 -0.67 -28.38 11.59
CA THR B 213 -1.25 -27.43 10.66
C THR B 213 -0.42 -27.38 9.39
N ALA B 214 0.88 -27.19 9.54
CA ALA B 214 1.79 -27.13 8.40
C ALA B 214 1.73 -28.43 7.60
N GLU B 215 1.72 -29.56 8.32
CA GLU B 215 1.69 -30.87 7.69
C GLU B 215 0.43 -31.07 6.84
N THR B 216 -0.72 -30.65 7.36
CA THR B 216 -1.94 -30.82 6.62
C THR B 216 -1.91 -30.01 5.31
N LYS B 217 -1.56 -28.73 5.41
CA LYS B 217 -1.49 -27.81 4.28
C LYS B 217 -0.41 -28.22 3.27
N ARG B 218 0.72 -28.68 3.77
CA ARG B 218 1.80 -29.11 2.88
C ARG B 218 1.31 -30.30 2.03
N ASN B 219 0.57 -31.21 2.68
CA ASN B 219 0.02 -32.38 2.00
C ASN B 219 -0.80 -31.97 0.78
N MET B 220 -1.56 -30.88 0.91
CA MET B 220 -2.38 -30.36 -0.16
C MET B 220 -1.53 -29.99 -1.37
N TYR B 221 -0.49 -29.19 -1.16
CA TYR B 221 0.37 -28.81 -2.27
C TYR B 221 1.01 -30.01 -2.95
N GLU B 222 1.24 -31.09 -2.20
CA GLU B 222 1.85 -32.29 -2.77
C GLU B 222 0.86 -33.09 -3.59
N SER B 223 -0.38 -33.09 -3.16
CA SER B 223 -1.39 -33.81 -3.91
C SER B 223 -1.68 -33.03 -5.20
N LYS B 224 -1.30 -31.75 -5.23
CA LYS B 224 -1.52 -30.92 -6.41
C LYS B 224 -0.25 -30.88 -7.26
N GLY B 225 0.78 -31.60 -6.83
CA GLY B 225 2.02 -31.62 -7.57
C GLY B 225 2.65 -30.24 -7.72
N SER B 226 2.60 -29.47 -6.64
CA SER B 226 3.16 -28.13 -6.62
C SER B 226 4.66 -28.14 -6.87
N SER B 227 5.16 -27.06 -7.44
CA SER B 227 6.58 -26.95 -7.75
C SER B 227 7.39 -26.46 -6.54
N ALA B 228 6.70 -26.24 -5.43
CA ALA B 228 7.35 -25.77 -4.22
C ALA B 228 7.88 -26.93 -3.40
N VAL B 229 7.34 -28.12 -3.63
CA VAL B 229 7.78 -29.29 -2.89
C VAL B 229 9.24 -29.62 -3.20
N ALA B 230 9.74 -29.13 -4.33
CA ALA B 230 11.11 -29.41 -4.74
C ALA B 230 12.08 -28.30 -4.32
N ASP B 231 11.53 -27.16 -3.93
CA ASP B 231 12.31 -26.00 -3.54
C ASP B 231 12.46 -25.92 -2.03
N ASP B 232 13.69 -26.07 -1.55
CA ASP B 232 13.95 -26.02 -0.11
C ASP B 232 13.79 -24.65 0.51
N SER B 233 13.63 -23.63 -0.34
CA SER B 233 13.45 -22.28 0.16
C SER B 233 11.97 -21.94 0.31
N LYS B 234 11.10 -22.87 -0.06
CA LYS B 234 9.66 -22.65 0.02
C LYS B 234 8.99 -23.71 0.90
N LEU B 235 7.70 -23.52 1.16
CA LEU B 235 6.94 -24.46 1.98
C LEU B 235 7.47 -24.48 3.40
N ARG B 236 8.01 -23.34 3.82
CA ARG B 236 8.56 -23.20 5.14
C ARG B 236 7.60 -22.46 6.05
N PRO B 237 7.41 -22.96 7.28
CA PRO B 237 6.52 -22.35 8.28
C PRO B 237 7.13 -20.99 8.60
N VAL B 238 6.28 -19.96 8.65
CA VAL B 238 6.73 -18.62 8.97
C VAL B 238 6.28 -18.32 10.39
N ILE B 239 7.19 -17.79 11.19
CA ILE B 239 6.91 -17.52 12.59
C ILE B 239 7.46 -16.17 12.99
N HIS B 240 6.71 -15.44 13.80
CA HIS B 240 7.19 -14.18 14.31
C HIS B 240 6.35 -13.74 15.49
N CYS B 241 6.97 -12.92 16.34
CA CYS B 241 6.36 -12.34 17.54
C CYS B 241 6.42 -10.84 17.31
N ARG B 242 7.17 -10.11 18.10
CA ARG B 242 7.26 -8.68 17.85
C ARG B 242 8.60 -8.38 17.20
N ALA B 243 9.68 -8.78 17.86
CA ALA B 243 11.01 -8.56 17.33
C ALA B 243 11.47 -9.80 16.56
N GLY B 244 10.84 -10.93 16.87
CA GLY B 244 11.16 -12.19 16.21
C GLY B 244 12.46 -12.83 16.71
N VAL B 245 12.79 -12.62 17.99
CA VAL B 245 14.00 -13.16 18.59
C VAL B 245 13.77 -13.85 19.93
N GLY B 246 12.74 -13.43 20.65
CA GLY B 246 12.43 -14.03 21.94
C GLY B 246 11.44 -15.17 21.83
N ARG B 247 10.16 -14.83 21.78
CA ARG B 247 9.10 -15.83 21.70
C ARG B 247 9.21 -16.71 20.45
N THR B 248 9.65 -16.12 19.34
CA THR B 248 9.80 -16.86 18.10
C THR B 248 10.87 -17.94 18.23
N ALA B 249 11.94 -17.62 18.94
CA ALA B 249 13.04 -18.55 19.13
C ALA B 249 12.64 -19.75 19.97
N GLN B 250 11.79 -19.50 20.98
CA GLN B 250 11.35 -20.56 21.86
C GLN B 250 10.55 -21.60 21.08
N LEU B 251 9.65 -21.13 20.23
CA LEU B 251 8.83 -22.04 19.44
C LEU B 251 9.67 -22.82 18.45
N ILE B 252 10.56 -22.14 17.75
CA ILE B 252 11.42 -22.81 16.77
C ILE B 252 12.23 -23.88 17.48
N GLY B 253 12.92 -23.52 18.56
CA GLY B 253 13.69 -24.49 19.31
C GLY B 253 12.85 -25.71 19.67
N ALA B 254 11.59 -25.48 20.03
CA ALA B 254 10.68 -26.57 20.39
C ALA B 254 10.30 -27.41 19.18
N MET B 255 10.16 -26.76 18.01
CA MET B 255 9.81 -27.46 16.78
C MET B 255 10.92 -28.42 16.34
N CYS B 256 12.17 -28.04 16.57
CA CYS B 256 13.30 -28.89 16.22
C CYS B 256 13.25 -30.18 16.99
N MET B 257 12.96 -30.07 18.29
CA MET B 257 12.89 -31.23 19.16
C MET B 257 11.73 -32.14 18.77
N ASN B 258 10.76 -31.59 18.05
CA ASN B 258 9.61 -32.38 17.61
C ASN B 258 10.01 -33.24 16.42
N ASP B 259 10.87 -32.67 15.58
CA ASP B 259 11.36 -33.36 14.38
C ASP B 259 12.14 -34.60 14.76
N SER B 260 11.65 -35.77 14.32
CA SER B 260 12.31 -37.03 14.62
C SER B 260 13.60 -37.27 13.84
N ARG B 261 14.06 -36.25 13.12
CA ARG B 261 15.27 -36.38 12.34
C ARG B 261 16.43 -35.65 12.99
N ASN B 262 16.13 -34.87 14.03
CA ASN B 262 17.14 -34.08 14.73
C ASN B 262 17.77 -34.78 15.91
N SER B 263 17.84 -36.10 15.84
CA SER B 263 18.44 -36.91 16.89
C SER B 263 19.88 -36.45 17.11
N GLN B 264 20.26 -36.24 18.38
CA GLN B 264 21.62 -35.82 18.72
C GLN B 264 21.95 -34.36 18.50
N LEU B 265 20.95 -33.58 18.08
CA LEU B 265 21.18 -32.15 17.88
C LEU B 265 21.11 -31.56 19.28
N SER B 266 22.19 -30.95 19.74
CA SER B 266 22.21 -30.40 21.08
C SER B 266 21.57 -29.02 21.21
N VAL B 267 21.38 -28.60 22.46
CA VAL B 267 20.78 -27.29 22.73
C VAL B 267 21.78 -26.24 22.28
N GLU B 268 23.06 -26.55 22.37
CA GLU B 268 24.10 -25.62 21.94
C GLU B 268 23.97 -25.44 20.42
N ASP B 269 23.77 -26.53 19.71
CA ASP B 269 23.63 -26.46 18.25
C ASP B 269 22.46 -25.56 17.86
N MET B 270 21.28 -25.83 18.41
CA MET B 270 20.06 -25.08 18.13
C MET B 270 20.20 -23.57 18.22
N VAL B 271 20.57 -23.09 19.40
CA VAL B 271 20.69 -21.67 19.63
C VAL B 271 21.78 -21.07 18.75
N SER B 272 22.92 -21.76 18.66
CA SER B 272 24.01 -21.31 17.80
C SER B 272 23.49 -21.05 16.41
N GLN B 273 22.92 -22.10 15.81
CA GLN B 273 22.41 -22.02 14.46
C GLN B 273 21.37 -20.92 14.27
N MET B 274 20.54 -20.69 15.27
CA MET B 274 19.55 -19.63 15.14
C MET B 274 20.19 -18.26 15.13
N ARG B 275 21.18 -18.05 16.00
CA ARG B 275 21.84 -16.74 16.09
C ARG B 275 22.71 -16.40 14.88
N VAL B 276 23.38 -17.40 14.36
CA VAL B 276 24.25 -17.22 13.21
C VAL B 276 23.43 -16.99 11.94
N GLN B 277 22.18 -17.48 11.94
CA GLN B 277 21.30 -17.35 10.77
C GLN B 277 20.31 -16.16 10.83
N ARG B 278 20.24 -15.48 11.97
CA ARG B 278 19.37 -14.31 12.12
C ARG B 278 20.12 -13.20 12.83
N ASN B 279 20.33 -13.36 14.15
CA ASN B 279 21.10 -12.42 14.96
C ASN B 279 21.35 -12.97 16.37
N GLY B 280 22.46 -12.55 16.98
CA GLY B 280 22.84 -13.02 18.30
C GLY B 280 21.83 -12.87 19.42
N ILE B 281 20.65 -12.32 19.12
CA ILE B 281 19.63 -12.10 20.12
C ILE B 281 18.64 -13.28 20.25
N MET B 282 18.59 -14.11 19.23
CA MET B 282 17.71 -15.27 19.22
C MET B 282 17.73 -15.97 20.57
N VAL B 283 16.57 -16.02 21.22
CA VAL B 283 16.40 -16.60 22.55
C VAL B 283 16.91 -15.53 23.49
N GLN B 284 16.08 -14.52 23.69
CA GLN B 284 16.43 -13.38 24.52
C GLN B 284 16.50 -13.68 26.01
N LYS B 285 15.34 -13.87 26.63
CA LYS B 285 15.28 -14.14 28.07
C LYS B 285 15.84 -15.50 28.43
N ASP B 286 16.49 -15.55 29.60
CA ASP B 286 17.04 -16.80 30.11
C ASP B 286 15.91 -17.74 30.42
N GLU B 287 14.78 -17.17 30.85
CA GLU B 287 13.63 -17.99 31.18
C GLU B 287 13.18 -18.76 29.96
N GLN B 288 13.48 -18.23 28.78
CA GLN B 288 13.11 -18.91 27.56
C GLN B 288 14.07 -20.06 27.30
N LEU B 289 15.37 -19.82 27.43
CA LEU B 289 16.35 -20.88 27.23
C LEU B 289 16.11 -22.02 28.23
N ASP B 290 15.57 -21.69 29.40
CA ASP B 290 15.28 -22.68 30.44
C ASP B 290 14.19 -23.64 30.01
N VAL B 291 13.24 -23.15 29.22
CA VAL B 291 12.18 -24.00 28.75
C VAL B 291 12.77 -24.97 27.74
N LEU B 292 13.69 -24.49 26.92
CA LEU B 292 14.31 -25.37 25.93
C LEU B 292 15.15 -26.43 26.62
N ILE B 293 15.86 -26.01 27.66
CA ILE B 293 16.71 -26.91 28.41
C ILE B 293 15.86 -28.00 29.04
N LYS B 294 14.70 -27.62 29.56
CA LYS B 294 13.78 -28.54 30.21
C LYS B 294 13.25 -29.56 29.20
N LEU B 295 12.91 -29.10 28.00
CA LEU B 295 12.40 -30.03 26.99
C LEU B 295 13.48 -30.98 26.55
N ALA B 296 14.70 -30.49 26.41
CA ALA B 296 15.82 -31.32 26.00
C ALA B 296 16.08 -32.39 27.05
N GLU B 297 16.03 -31.98 28.31
CA GLU B 297 16.25 -32.91 29.41
C GLU B 297 15.20 -34.03 29.35
N GLY B 298 13.95 -33.67 29.06
CA GLY B 298 12.91 -34.66 28.96
C GLY B 298 13.16 -35.66 27.85
N GLN B 299 13.95 -35.27 26.86
CA GLN B 299 14.27 -36.14 25.74
C GLN B 299 15.65 -36.75 25.87
N GLY B 300 16.34 -36.48 26.97
CA GLY B 300 17.66 -37.03 27.15
C GLY B 300 18.58 -36.50 26.06
N ARG B 301 18.30 -35.28 25.64
CA ARG B 301 19.07 -34.60 24.61
C ARG B 301 20.22 -33.86 25.28
N PRO B 302 21.39 -33.83 24.62
CA PRO B 302 22.54 -33.13 25.20
C PRO B 302 22.39 -31.62 25.07
N LEU B 303 22.93 -30.88 26.03
CA LEU B 303 22.87 -29.43 26.02
C LEU B 303 24.09 -28.87 25.32
N LEU B 304 25.24 -29.49 25.59
CA LEU B 304 26.54 -29.08 25.05
C LEU B 304 27.07 -30.07 24.01
N ASN B 305 28.05 -29.63 23.23
CA ASN B 305 28.68 -30.46 22.22
C ASN B 305 29.97 -31.10 22.67
N SER B 306 30.39 -32.12 21.92
CA SER B 306 31.63 -32.83 22.22
C SER B 306 31.42 -33.61 23.49
N ASP C 4 2.15 2.61 -23.66
CA ASP C 4 0.81 2.57 -24.30
C ASP C 4 0.52 3.96 -24.91
N GLU C 5 -0.43 4.02 -25.84
CA GLU C 5 -0.81 5.26 -26.49
C GLU C 5 -2.29 5.53 -26.35
N LEU C 7 -3.63 7.85 -27.82
CA LEU C 7 -3.93 8.34 -29.17
C LEU C 7 -4.36 9.81 -29.12
N ASP D 2 -5.89 19.17 16.90
CA ASP D 2 -4.84 18.13 16.99
C ASP D 2 -4.65 17.38 15.67
N ALA D 3 -4.50 16.05 15.76
CA ALA D 3 -4.30 15.24 14.56
C ALA D 3 -5.54 15.21 13.67
N ASP D 4 -6.72 15.21 14.27
CA ASP D 4 -7.96 15.16 13.52
C ASP D 4 -8.79 16.45 13.65
N GLU D 5 -8.13 17.61 13.67
CA GLU D 5 -8.88 18.86 13.82
C GLU D 5 -9.52 19.37 12.54
N LEU D 7 -11.36 17.02 10.68
CA LEU D 7 -12.39 16.05 10.41
C LEU D 7 -13.73 16.63 10.86
N ASP E 4 12.26 2.17 19.58
CA ASP E 4 13.70 2.49 19.41
C ASP E 4 14.59 1.25 19.58
N GLU E 5 14.75 0.82 20.84
CA GLU E 5 15.55 -0.36 21.17
C GLU E 5 14.65 -1.42 21.79
N LEU E 7 15.78 -3.91 23.37
CA LEU E 7 16.48 -4.25 24.60
C LEU E 7 16.75 -2.99 25.42
N ASP F 2 -6.24 -23.09 -12.73
CA ASP F 2 -6.54 -21.64 -12.86
C ASP F 2 -5.87 -20.87 -11.72
N ALA F 3 -6.31 -19.63 -11.49
CA ALA F 3 -5.73 -18.80 -10.43
C ALA F 3 -6.11 -19.32 -9.04
N ASP F 4 -7.23 -20.02 -8.96
CA ASP F 4 -7.70 -20.56 -7.69
C ASP F 4 -7.56 -22.08 -7.54
N GLU F 5 -6.52 -22.65 -8.13
CA GLU F 5 -6.32 -24.09 -8.05
C GLU F 5 -5.68 -24.55 -6.75
N LEU F 7 -6.77 -23.35 -3.91
CA LEU F 7 -7.78 -23.05 -2.92
C LEU F 7 -8.70 -24.23 -2.69
#